data_7U5G
#
_entry.id   7U5G
#
_cell.length_a   64.402
_cell.length_b   70.445
_cell.length_c   97.324
_cell.angle_alpha   90.000
_cell.angle_beta   90.000
_cell.angle_gamma   90.000
#
_symmetry.space_group_name_H-M   'P 21 21 21'
#
loop_
_entity.id
_entity.type
_entity.pdbx_description
1 polymer 'ACS122 Fab Heavy chain'
2 polymer 'ACS122 Fab Light chain'
3 water water
#
loop_
_entity_poly.entity_id
_entity_poly.type
_entity_poly.pdbx_seq_one_letter_code
_entity_poly.pdbx_strand_id
1 'polypeptide(L)'
;QVQLQESGPGLVKPSEALSLTCSVSGVAISRHYWNWIRQPPGKGLEWIGYIFFNGNTNYSPSLKSRVTISVDTSKNEFSL
TLRSVTAADTAVYYCAREKSVVEPDNMVRWFDPWGQGTLVTVSSASTKGPSVFPLAPSSKSTSGGTAALGCLVKDYFPEP
VTVSWNSGALTSGVHTFPAVLQSSGLYSLSSVVTVPSSSLGTQTYICNVNHKPSNTKVDKRVEPKSCD
;
H
2 'polypeptide(L)'
;SYELTQPPSVSVAPGKTARITCGGNNIGSKSVHWYQQKPGQAPVLVIYYDSDRPSGIPERFSGSKSGNTATLTISRVEAG
DEADYYCQVWDSSRDHCVFGIGTKVTVLGQPKANPTVTLFPPSSEELQANKATLVCLISDFYPGAVTVAWKADSSPVKAG
VETTTPSKQSNNKYAASSYLSLTPEQWKSHRSYSCQVTHEGSTVEKTVAPTECS
;
L
#
# COMPACT_ATOMS: atom_id res chain seq x y z
N GLN A 1 -2.72 -17.63 16.45
CA GLN A 1 -2.66 -17.87 14.97
C GLN A 1 -1.27 -17.65 14.37
N VAL A 2 -1.08 -18.05 13.13
CA VAL A 2 0.24 -17.95 12.51
C VAL A 2 0.41 -16.58 11.91
N GLN A 3 1.41 -15.86 12.42
CA GLN A 3 1.75 -14.55 11.89
C GLN A 3 3.24 -14.46 11.57
N LEU A 4 3.56 -13.72 10.49
CA LEU A 4 4.89 -13.47 10.02
C LEU A 4 5.11 -11.97 9.93
N GLN A 5 6.28 -11.50 10.34
CA GLN A 5 6.58 -10.08 10.32
C GLN A 5 8.01 -9.83 9.90
N GLU A 6 8.16 -9.19 8.77
CA GLU A 6 9.45 -8.87 8.22
C GLU A 6 9.98 -7.62 8.90
N SER A 7 11.30 -7.57 9.06
CA SER A 7 11.97 -6.33 9.48
C SER A 7 13.22 -6.14 8.61
N GLY A 8 13.42 -4.91 8.17
CA GLY A 8 14.52 -4.58 7.29
C GLY A 8 15.09 -3.21 7.58
N PRO A 9 16.14 -2.82 6.84
CA PRO A 9 16.76 -1.51 7.09
C PRO A 9 16.06 -0.32 6.47
N GLY A 10 15.15 -0.55 5.53
CA GLY A 10 14.53 0.51 4.76
C GLY A 10 15.37 0.95 3.56
N LEU A 11 16.52 1.54 3.83
CA LEU A 11 17.44 2.08 2.84
C LEU A 11 18.70 1.24 2.77
N VAL A 12 19.22 0.99 1.57
CA VAL A 12 20.46 0.22 1.39
C VAL A 12 21.27 0.92 0.31
N LYS A 13 22.54 1.25 0.59
CA LYS A 13 23.38 1.90 -0.40
C LYS A 13 23.79 0.92 -1.50
N PRO A 14 23.81 1.37 -2.76
CA PRO A 14 24.25 0.50 -3.85
C PRO A 14 25.57 -0.17 -3.52
N SER A 15 25.70 -1.42 -3.95
CA SER A 15 26.85 -2.29 -3.79
C SER A 15 26.96 -2.83 -2.38
N GLU A 16 26.17 -2.40 -1.43
CA GLU A 16 26.21 -3.01 -0.11
C GLU A 16 25.17 -4.14 0.00
N ALA A 17 25.06 -4.74 1.17
CA ALA A 17 24.27 -5.94 1.39
C ALA A 17 22.95 -5.61 2.08
N LEU A 18 21.88 -6.18 1.58
CA LEU A 18 20.54 -6.13 2.20
C LEU A 18 20.40 -7.28 3.18
N SER A 19 20.02 -6.98 4.41
CA SER A 19 19.73 -8.05 5.38
C SER A 19 18.32 -7.88 5.96
N LEU A 20 17.53 -8.93 5.88
CA LEU A 20 16.18 -8.92 6.42
C LEU A 20 15.99 -10.07 7.38
N THR A 21 15.01 -9.90 8.27
CA THR A 21 14.62 -10.98 9.18
C THR A 21 13.11 -11.12 9.16
N CYS A 22 12.64 -12.34 9.29
CA CYS A 22 11.22 -12.61 9.44
C CYS A 22 11.03 -13.28 10.80
N SER A 23 10.19 -12.67 11.63
CA SER A 23 9.87 -13.24 12.94
C SER A 23 8.55 -14.01 12.82
N VAL A 24 8.55 -15.27 13.27
CA VAL A 24 7.40 -16.13 13.15
C VAL A 24 6.73 -16.29 14.52
N SER A 25 5.42 -16.08 14.57
CA SER A 25 4.57 -16.33 15.72
C SER A 25 3.58 -17.44 15.42
N GLY A 26 3.28 -18.25 16.43
CA GLY A 26 2.15 -19.15 16.38
C GLY A 26 2.48 -20.49 15.79
N VAL A 27 3.74 -20.72 15.38
CA VAL A 27 4.18 -22.05 14.97
C VAL A 27 5.69 -22.10 15.10
N ALA A 28 6.23 -23.30 15.27
CA ALA A 28 7.66 -23.47 15.36
C ALA A 28 8.29 -23.47 13.96
N ILE A 29 9.45 -22.82 13.84
CA ILE A 29 10.17 -22.82 12.56
C ILE A 29 10.35 -24.24 12.03
N SER A 30 10.69 -25.18 12.90
CA SER A 30 11.02 -26.55 12.49
C SER A 30 9.88 -27.26 11.76
N ARG A 31 8.68 -26.72 11.77
CA ARG A 31 7.52 -27.40 11.22
C ARG A 31 7.19 -27.09 9.79
N HIS A 32 7.93 -26.19 9.14
CA HIS A 32 7.63 -25.80 7.76
C HIS A 32 8.88 -25.32 7.02
N TYR A 33 8.77 -25.39 5.68
CA TYR A 33 9.65 -24.66 4.78
C TYR A 33 9.20 -23.20 4.73
N TRP A 34 10.20 -22.31 4.61
CA TRP A 34 9.99 -20.86 4.68
C TRP A 34 10.58 -20.21 3.44
N ASN A 35 9.85 -19.28 2.84
CA ASN A 35 10.23 -18.66 1.57
C ASN A 35 10.33 -17.13 1.69
N TRP A 36 11.13 -16.55 0.78
CA TRP A 36 11.23 -15.09 0.54
C TRP A 36 10.77 -14.86 -0.89
N ILE A 37 9.91 -13.88 -1.09
CA ILE A 37 9.47 -13.34 -2.36
C ILE A 37 9.71 -11.82 -2.37
N ARG A 38 9.79 -11.23 -3.57
CA ARG A 38 9.87 -9.80 -3.67
C ARG A 38 9.04 -9.29 -4.81
N GLN A 39 8.77 -8.00 -4.77
CA GLN A 39 7.95 -7.33 -5.73
C GLN A 39 8.46 -5.92 -5.98
N PRO A 40 9.09 -5.67 -7.13
CA PRO A 40 9.45 -4.28 -7.45
C PRO A 40 8.22 -3.41 -7.57
N PRO A 41 8.32 -2.14 -7.17
CA PRO A 41 7.14 -1.28 -7.28
C PRO A 41 6.62 -1.25 -8.72
N GLY A 42 5.33 -1.38 -8.87
CA GLY A 42 4.66 -1.41 -10.16
C GLY A 42 4.68 -2.75 -10.90
N LYS A 43 5.33 -3.77 -10.35
CA LYS A 43 5.64 -4.97 -11.11
C LYS A 43 5.13 -6.18 -10.35
N GLY A 44 5.61 -7.37 -10.75
CA GLY A 44 5.03 -8.62 -10.31
C GLY A 44 5.81 -9.27 -9.18
N LEU A 45 5.31 -10.43 -8.75
CA LEU A 45 5.94 -11.21 -7.69
C LEU A 45 7.07 -12.05 -8.29
N GLU A 46 8.20 -12.13 -7.59
CA GLU A 46 9.40 -12.86 -7.99
C GLU A 46 9.87 -13.66 -6.79
N TRP A 47 9.81 -14.99 -6.89
CA TRP A 47 10.33 -15.82 -5.82
C TRP A 47 11.82 -15.66 -5.69
N ILE A 48 12.31 -15.71 -4.46
CA ILE A 48 13.72 -15.62 -4.13
C ILE A 48 14.31 -16.96 -3.74
N GLY A 49 13.74 -17.62 -2.73
CA GLY A 49 14.22 -18.92 -2.32
C GLY A 49 13.47 -19.43 -1.13
N TYR A 50 13.89 -20.61 -0.67
CA TYR A 50 13.30 -21.26 0.51
C TYR A 50 14.41 -21.80 1.38
N ILE A 51 14.04 -22.15 2.61
CA ILE A 51 14.92 -22.81 3.55
C ILE A 51 14.08 -23.74 4.44
N PHE A 52 14.75 -24.77 5.02
CA PHE A 52 14.23 -25.70 6.02
C PHE A 52 15.28 -25.85 7.11
N PHE A 53 14.84 -25.98 8.37
CA PHE A 53 15.75 -25.85 9.49
C PHE A 53 16.87 -26.90 9.51
N ASN A 54 16.80 -27.92 8.71
CA ASN A 54 17.92 -28.86 8.63
C ASN A 54 18.98 -28.46 7.59
N GLY A 55 18.78 -27.35 6.86
CA GLY A 55 19.76 -26.79 5.96
C GLY A 55 19.38 -26.74 4.50
N ASN A 56 18.40 -27.54 4.07
CA ASN A 56 17.93 -27.49 2.70
C ASN A 56 17.64 -26.05 2.27
N THR A 57 18.05 -25.70 1.05
CA THR A 57 17.80 -24.40 0.44
C THR A 57 17.77 -24.60 -1.06
N ASN A 58 17.03 -23.74 -1.75
CA ASN A 58 17.19 -23.49 -3.17
C ASN A 58 16.77 -22.05 -3.40
N TYR A 59 17.50 -21.39 -4.28
CA TYR A 59 17.35 -19.98 -4.61
C TYR A 59 16.98 -19.82 -6.08
N SER A 60 16.41 -18.66 -6.40
CA SER A 60 16.07 -18.35 -7.78
C SER A 60 17.34 -18.39 -8.66
N PRO A 61 17.22 -18.83 -9.90
CA PRO A 61 18.40 -18.75 -10.79
C PRO A 61 18.97 -17.33 -10.83
N SER A 62 18.12 -16.32 -11.08
CA SER A 62 18.59 -14.95 -11.22
C SER A 62 19.38 -14.47 -10.01
N LEU A 63 19.06 -14.97 -8.82
CA LEU A 63 19.63 -14.43 -7.59
C LEU A 63 20.55 -15.39 -6.85
N LYS A 64 20.69 -16.64 -7.34
CA LYS A 64 21.38 -17.66 -6.56
C LYS A 64 22.74 -17.20 -6.09
N SER A 65 23.45 -16.46 -6.96
CA SER A 65 24.83 -16.09 -6.68
C SER A 65 24.94 -15.11 -5.55
N ARG A 66 23.87 -14.36 -5.24
CA ARG A 66 23.96 -13.23 -4.32
C ARG A 66 23.16 -13.43 -3.05
N VAL A 67 22.42 -14.53 -2.93
CA VAL A 67 21.47 -14.75 -1.85
C VAL A 67 21.99 -15.75 -0.83
N THR A 68 21.74 -15.46 0.46
CA THR A 68 21.80 -16.45 1.52
C THR A 68 20.51 -16.35 2.33
N ILE A 69 19.83 -17.47 2.51
CA ILE A 69 18.74 -17.63 3.47
C ILE A 69 19.26 -18.45 4.64
N SER A 70 18.91 -18.05 5.87
CA SER A 70 19.32 -18.81 7.05
C SER A 70 18.15 -18.89 8.01
N VAL A 71 18.30 -19.70 9.06
CA VAL A 71 17.24 -19.94 10.03
C VAL A 71 17.81 -19.84 11.42
N ASP A 72 17.03 -19.29 12.37
CA ASP A 72 17.41 -19.17 13.79
C ASP A 72 16.26 -19.74 14.63
N THR A 73 16.33 -21.04 14.95
CA THR A 73 15.25 -21.65 15.71
C THR A 73 15.17 -21.09 17.12
N SER A 74 16.29 -20.68 17.70
CA SER A 74 16.26 -20.22 19.08
C SER A 74 15.52 -18.91 19.21
N LYS A 75 15.29 -18.21 18.10
CA LYS A 75 14.47 -16.98 18.11
C LYS A 75 13.24 -17.10 17.24
N ASN A 76 12.99 -18.28 16.69
CA ASN A 76 11.90 -18.59 15.76
C ASN A 76 11.86 -17.59 14.61
N GLU A 77 12.98 -17.54 13.87
CA GLU A 77 13.19 -16.53 12.83
C GLU A 77 13.91 -17.14 11.64
N PHE A 78 13.69 -16.56 10.47
CA PHE A 78 14.58 -16.85 9.36
C PHE A 78 14.95 -15.51 8.73
N SER A 79 16.00 -15.57 7.91
CA SER A 79 16.64 -14.31 7.46
C SER A 79 17.08 -14.43 6.02
N LEU A 80 17.30 -13.26 5.39
CA LEU A 80 17.67 -13.15 4.01
C LEU A 80 18.84 -12.18 3.93
N THR A 81 19.87 -12.54 3.17
CA THR A 81 20.99 -11.65 2.86
C THR A 81 21.11 -11.59 1.36
N LEU A 82 21.24 -10.39 0.83
CA LEU A 82 21.32 -10.22 -0.62
C LEU A 82 22.49 -9.27 -0.81
N ARG A 83 23.57 -9.73 -1.41
CA ARG A 83 24.75 -8.89 -1.42
C ARG A 83 24.76 -8.05 -2.70
N SER A 84 25.56 -7.01 -2.69
CA SER A 84 25.82 -6.21 -3.89
C SER A 84 24.57 -5.74 -4.58
N VAL A 85 23.75 -4.97 -3.83
CA VAL A 85 22.50 -4.53 -4.38
C VAL A 85 22.73 -3.42 -5.39
N THR A 86 21.78 -3.30 -6.31
CA THR A 86 21.65 -2.24 -7.28
C THR A 86 20.21 -1.77 -7.24
N ALA A 87 19.89 -0.77 -8.05
CA ALA A 87 18.54 -0.25 -8.03
C ALA A 87 17.53 -1.30 -8.43
N ALA A 88 17.93 -2.34 -9.17
CA ALA A 88 17.00 -3.39 -9.57
C ALA A 88 16.47 -4.20 -8.37
N ASP A 89 17.07 -4.04 -7.23
CA ASP A 89 16.70 -4.75 -6.04
C ASP A 89 15.79 -3.94 -5.13
N THR A 90 15.44 -2.70 -5.48
CA THR A 90 14.38 -1.96 -4.79
C THR A 90 13.04 -2.66 -4.99
N ALA A 91 12.38 -3.01 -3.90
CA ALA A 91 11.24 -3.85 -3.93
C ALA A 91 10.64 -3.99 -2.53
N VAL A 92 9.37 -4.44 -2.49
CA VAL A 92 8.77 -4.99 -1.26
C VAL A 92 9.23 -6.43 -1.15
N TYR A 93 9.82 -6.78 0.01
CA TYR A 93 10.26 -8.14 0.29
C TYR A 93 9.30 -8.82 1.26
N TYR A 94 8.78 -9.97 0.84
CA TYR A 94 7.82 -10.72 1.65
C TYR A 94 8.42 -12.03 2.12
N CYS A 95 8.19 -12.37 3.40
CA CYS A 95 8.34 -13.75 3.85
C CYS A 95 6.99 -14.47 3.81
N ALA A 96 7.05 -15.80 3.74
CA ALA A 96 5.82 -16.57 3.67
C ALA A 96 6.07 -17.98 4.16
N ARG A 97 5.04 -18.58 4.70
CA ARG A 97 5.09 -19.96 5.13
C ARG A 97 4.74 -20.84 3.96
N GLU A 98 5.54 -21.86 3.74
CA GLU A 98 5.22 -22.82 2.70
C GLU A 98 4.31 -23.91 3.26
N LYS A 99 3.24 -24.18 2.55
CA LYS A 99 2.40 -25.36 2.78
C LYS A 99 2.61 -26.32 1.62
N SER A 100 2.67 -27.62 1.93
CA SER A 100 3.02 -28.62 0.93
C SER A 100 2.34 -29.94 1.23
N VAL A 101 1.89 -30.63 0.16
CA VAL A 101 1.36 -31.98 0.21
C VAL A 101 2.25 -32.88 -0.65
N VAL A 102 2.31 -34.15 -0.27
CA VAL A 102 3.17 -35.12 -0.93
C VAL A 102 2.31 -35.89 -1.94
N GLU A 103 2.39 -35.48 -3.21
CA GLU A 103 1.81 -36.10 -4.39
C GLU A 103 2.93 -36.79 -5.19
N PRO A 104 2.70 -37.99 -5.74
CA PRO A 104 3.81 -38.75 -6.34
C PRO A 104 4.42 -38.07 -7.55
N ASP A 105 5.75 -38.06 -7.60
CA ASP A 105 6.57 -37.62 -8.73
C ASP A 105 6.48 -36.12 -9.01
N ASN A 106 5.80 -35.35 -8.17
CA ASN A 106 5.58 -33.94 -8.42
C ASN A 106 5.73 -33.18 -7.11
N MET A 107 5.55 -31.86 -7.20
CA MET A 107 5.62 -30.94 -6.08
C MET A 107 4.40 -30.05 -6.13
N VAL A 108 3.62 -30.05 -5.05
CA VAL A 108 2.55 -29.10 -4.87
C VAL A 108 2.93 -28.27 -3.65
N ARG A 109 3.29 -27.00 -3.90
CA ARG A 109 3.79 -26.10 -2.86
C ARG A 109 3.19 -24.72 -3.08
N TRP A 110 2.58 -24.17 -2.00
CA TRP A 110 1.95 -22.86 -2.06
C TRP A 110 2.26 -22.12 -0.75
N PHE A 111 1.84 -20.85 -0.70
CA PHE A 111 2.21 -19.95 0.38
C PHE A 111 0.97 -19.49 1.14
N ASP A 112 0.99 -19.69 2.46
CA ASP A 112 -0.09 -19.34 3.38
C ASP A 112 0.38 -19.35 4.84
N PRO A 113 0.50 -18.21 5.49
CA PRO A 113 0.21 -16.85 5.07
C PRO A 113 1.49 -16.18 4.58
N TRP A 114 1.35 -14.99 4.06
CA TRP A 114 2.46 -14.10 3.78
C TRP A 114 2.63 -13.10 4.91
N GLY A 115 3.86 -12.62 5.09
CA GLY A 115 4.00 -11.52 5.97
C GLY A 115 3.41 -10.28 5.36
N GLN A 116 3.68 -9.13 6.00
CA GLN A 116 3.12 -7.86 5.55
C GLN A 116 3.92 -7.21 4.46
N GLY A 117 5.15 -7.61 4.29
CA GLY A 117 6.13 -7.02 3.35
C GLY A 117 6.84 -5.84 3.98
N THR A 118 8.07 -5.65 3.52
CA THR A 118 8.85 -4.46 3.97
C THR A 118 9.51 -3.90 2.73
N LEU A 119 9.41 -2.58 2.54
CA LEU A 119 9.95 -1.92 1.36
C LEU A 119 11.44 -1.72 1.53
N VAL A 120 12.21 -2.19 0.55
CA VAL A 120 13.64 -1.88 0.56
C VAL A 120 13.93 -0.92 -0.59
N THR A 121 14.55 0.19 -0.28
CA THR A 121 14.91 1.18 -1.28
C THR A 121 16.43 1.22 -1.39
N VAL A 122 16.92 1.05 -2.60
CA VAL A 122 18.37 1.10 -2.89
C VAL A 122 18.68 2.48 -3.39
N SER A 123 19.49 3.20 -2.66
CA SER A 123 19.73 4.60 -2.93
C SER A 123 20.97 5.06 -2.22
N SER A 124 21.66 6.05 -2.86
CA SER A 124 22.78 6.70 -2.20
C SER A 124 22.34 7.84 -1.28
N ALA A 125 21.12 8.33 -1.43
CA ALA A 125 20.63 9.40 -0.56
C ALA A 125 20.52 8.93 0.85
N SER A 126 20.42 9.88 1.76
CA SER A 126 20.45 9.56 3.18
C SER A 126 19.03 9.51 3.74
N THR A 127 18.86 8.75 4.79
CA THR A 127 17.61 8.63 5.49
C THR A 127 17.23 9.96 6.13
N LYS A 128 15.91 10.26 6.14
CA LYS A 128 15.40 11.47 6.83
C LYS A 128 14.03 11.20 7.42
N GLY A 129 13.90 11.36 8.74
CA GLY A 129 12.66 11.06 9.43
C GLY A 129 11.70 12.23 9.21
N PRO A 130 10.41 12.01 9.38
CA PRO A 130 9.43 13.05 9.04
C PRO A 130 9.26 14.07 10.14
N SER A 131 8.73 15.21 9.71
CA SER A 131 8.13 16.17 10.62
C SER A 131 6.61 16.07 10.51
N VAL A 132 5.93 16.05 11.64
CA VAL A 132 4.48 15.81 11.68
C VAL A 132 3.78 17.04 12.24
N PHE A 133 2.70 17.46 11.54
CA PHE A 133 1.92 18.61 11.95
C PHE A 133 0.45 18.25 11.95
N PRO A 134 -0.29 18.85 12.88
CA PRO A 134 -1.75 18.63 12.95
C PRO A 134 -2.54 19.35 11.86
N LEU A 135 -3.58 18.71 11.40
CA LEU A 135 -4.59 19.33 10.52
C LEU A 135 -5.87 19.44 11.34
N ALA A 136 -6.02 20.51 11.98
CA ALA A 136 -6.97 20.67 13.07
C ALA A 136 -8.36 20.80 12.49
N PRO A 137 -9.35 20.25 13.18
CA PRO A 137 -10.72 20.46 12.76
C PRO A 137 -11.10 21.89 13.14
N SER A 138 -11.88 22.53 12.28
CA SER A 138 -12.43 23.86 12.55
C SER A 138 -13.84 24.00 11.98
N SER A 139 -14.47 25.10 12.30
CA SER A 139 -15.84 25.35 11.87
C SER A 139 -16.01 25.33 10.35
N LYS A 140 -14.91 25.14 9.59
CA LYS A 140 -14.93 25.09 8.13
C LYS A 140 -14.56 23.74 7.55
N SER A 141 -13.92 22.85 8.33
CA SER A 141 -13.73 21.47 7.93
C SER A 141 -14.91 20.57 8.33
N THR A 142 -16.07 21.18 8.71
CA THR A 142 -17.25 20.42 9.12
C THR A 142 -18.25 20.26 7.98
N SER A 143 -19.01 19.22 8.06
CA SER A 143 -20.10 18.94 7.17
C SER A 143 -21.26 18.44 8.05
N GLY A 144 -21.90 19.36 8.73
CA GLY A 144 -23.02 18.98 9.56
C GLY A 144 -22.57 18.08 10.70
N GLY A 145 -23.00 16.82 10.69
CA GLY A 145 -22.73 15.94 11.81
C GLY A 145 -21.28 15.54 12.00
N THR A 146 -20.42 15.72 10.98
CA THR A 146 -19.05 15.20 11.08
C THR A 146 -18.02 16.30 10.78
N ALA A 147 -16.81 16.06 11.23
CA ALA A 147 -15.69 16.94 10.96
C ALA A 147 -14.50 16.07 10.53
N ALA A 148 -13.69 16.61 9.65
CA ALA A 148 -12.46 15.98 9.23
C ALA A 148 -11.32 16.58 10.05
N LEU A 149 -10.40 15.71 10.50
CA LEU A 149 -9.19 16.15 11.12
C LEU A 149 -8.07 15.25 10.62
N GLY A 150 -6.82 15.68 10.80
CA GLY A 150 -5.80 14.96 10.06
C GLY A 150 -4.40 15.18 10.60
N CYS A 151 -3.42 14.53 9.99
CA CYS A 151 -2.02 14.81 10.28
CA CYS A 151 -2.04 14.85 10.28
C CYS A 151 -1.28 14.91 8.96
N LEU A 152 -0.43 15.94 8.84
CA LEU A 152 0.48 16.17 7.75
C LEU A 152 1.88 15.65 8.14
N VAL A 153 2.44 14.82 7.32
CA VAL A 153 3.68 14.08 7.59
C VAL A 153 4.65 14.51 6.50
N LYS A 154 5.60 15.38 6.83
CA LYS A 154 6.39 16.09 5.81
C LYS A 154 7.83 15.65 5.69
N ASP A 155 8.32 15.67 4.46
CA ASP A 155 9.75 15.69 4.13
C ASP A 155 10.52 14.52 4.78
N TYR A 156 10.13 13.29 4.40
CA TYR A 156 10.82 12.09 4.83
C TYR A 156 11.39 11.30 3.66
N PHE A 157 12.29 10.36 3.98
CA PHE A 157 12.94 9.51 2.95
C PHE A 157 13.65 8.37 3.64
N PRO A 158 13.48 7.13 3.14
CA PRO A 158 12.67 6.74 1.99
C PRO A 158 11.22 6.45 2.41
N GLU A 159 10.41 5.96 1.50
CA GLU A 159 9.09 5.38 1.85
C GLU A 159 9.33 4.11 2.66
N PRO A 160 8.37 3.69 3.48
CA PRO A 160 7.07 4.30 3.72
C PRO A 160 6.84 4.80 5.10
N VAL A 161 5.84 5.65 5.26
CA VAL A 161 5.29 5.95 6.56
C VAL A 161 3.94 5.30 6.63
N THR A 162 3.61 4.76 7.76
CA THR A 162 2.27 4.34 8.07
C THR A 162 1.72 5.12 9.25
N VAL A 163 0.39 5.27 9.26
CA VAL A 163 -0.30 6.08 10.25
C VAL A 163 -1.49 5.29 10.79
N SER A 164 -1.65 5.34 12.09
CA SER A 164 -2.82 4.85 12.80
C SER A 164 -3.32 5.98 13.66
N TRP A 165 -4.55 5.85 14.17
CA TRP A 165 -5.18 6.87 15.00
C TRP A 165 -5.61 6.26 16.33
N ASN A 166 -5.29 6.96 17.42
CA ASN A 166 -5.62 6.53 18.79
C ASN A 166 -5.14 5.13 19.07
N SER A 167 -3.93 4.84 18.61
CA SER A 167 -3.24 3.59 18.78
C SER A 167 -3.96 2.43 18.10
N GLY A 168 -4.63 2.69 16.99
CA GLY A 168 -5.38 1.65 16.30
C GLY A 168 -6.81 1.48 16.75
N ALA A 169 -7.18 2.10 17.87
CA ALA A 169 -8.55 2.11 18.33
C ALA A 169 -9.51 2.84 17.42
N LEU A 170 -9.05 3.72 16.56
CA LEU A 170 -9.94 4.53 15.73
C LEU A 170 -9.66 4.12 14.26
N THR A 171 -10.57 3.34 13.67
CA THR A 171 -10.36 2.88 12.31
C THR A 171 -11.44 3.36 11.37
N SER A 172 -12.62 3.60 11.90
CA SER A 172 -13.70 4.02 11.05
C SER A 172 -13.41 5.41 10.53
N GLY A 173 -13.49 5.54 9.23
CA GLY A 173 -13.36 6.86 8.63
C GLY A 173 -11.94 7.32 8.40
N VAL A 174 -10.97 6.42 8.43
CA VAL A 174 -9.56 6.76 8.27
C VAL A 174 -9.16 6.60 6.83
N HIS A 175 -8.50 7.60 6.28
CA HIS A 175 -7.80 7.37 5.00
C HIS A 175 -6.40 7.97 5.04
N THR A 176 -5.40 7.16 4.80
CA THR A 176 -4.03 7.62 4.59
C THR A 176 -3.70 7.67 3.13
N PHE A 177 -3.36 8.87 2.66
CA PHE A 177 -3.08 9.08 1.26
C PHE A 177 -1.70 8.57 0.86
N PRO A 178 -1.53 8.22 -0.42
CA PRO A 178 -0.18 8.04 -0.96
C PRO A 178 0.66 9.29 -0.75
N ALA A 179 1.97 9.07 -0.79
CA ALA A 179 2.90 10.15 -0.69
C ALA A 179 3.05 10.90 -2.00
N VAL A 180 3.35 12.15 -1.91
CA VAL A 180 3.92 12.93 -3.00
C VAL A 180 5.43 12.90 -2.90
N LEU A 181 6.10 12.81 -4.05
CA LEU A 181 7.55 13.02 -4.15
C LEU A 181 7.83 14.45 -4.58
N GLN A 182 8.39 15.24 -3.66
CA GLN A 182 8.70 16.65 -3.88
C GLN A 182 9.94 16.82 -4.78
N SER A 183 10.11 18.05 -5.27
CA SER A 183 11.27 18.39 -6.07
C SER A 183 12.57 18.24 -5.29
N SER A 184 12.48 18.20 -3.96
CA SER A 184 13.66 18.07 -3.12
C SER A 184 14.10 16.63 -2.96
N GLY A 185 13.36 15.69 -3.51
CA GLY A 185 13.63 14.29 -3.35
C GLY A 185 13.07 13.66 -2.08
N LEU A 186 12.26 14.40 -1.33
CA LEU A 186 11.67 13.99 -0.08
C LEU A 186 10.20 13.76 -0.35
N TYR A 187 9.62 12.86 0.44
CA TYR A 187 8.20 12.56 0.40
C TYR A 187 7.40 13.28 1.51
N SER A 188 6.14 13.50 1.23
CA SER A 188 5.16 13.98 2.19
C SER A 188 3.83 13.26 2.00
N LEU A 189 3.09 13.07 3.09
CA LEU A 189 1.75 12.51 2.97
C LEU A 189 0.84 13.05 4.08
N SER A 190 -0.45 12.74 3.95
CA SER A 190 -1.47 13.16 4.90
C SER A 190 -2.34 11.93 5.24
N SER A 191 -2.88 11.90 6.46
CA SER A 191 -3.85 10.95 6.93
C SER A 191 -4.99 11.78 7.54
N VAL A 192 -6.20 11.44 7.20
CA VAL A 192 -7.35 12.13 7.72
C VAL A 192 -8.34 11.11 8.29
N VAL A 193 -9.14 11.56 9.22
CA VAL A 193 -10.21 10.77 9.78
C VAL A 193 -11.44 11.68 9.96
N THR A 194 -12.61 11.14 9.71
CA THR A 194 -13.86 11.89 9.92
C THR A 194 -14.55 11.35 11.17
N VAL A 195 -14.93 12.26 12.06
CA VAL A 195 -15.44 11.94 13.41
C VAL A 195 -16.67 12.80 13.65
N PRO A 196 -17.49 12.45 14.64
CA PRO A 196 -18.61 13.31 14.99
C PRO A 196 -18.14 14.71 15.36
N SER A 197 -18.81 15.74 14.82
CA SER A 197 -18.48 17.08 15.28
C SER A 197 -18.85 17.28 16.74
N SER A 198 -19.82 16.50 17.24
CA SER A 198 -20.19 16.53 18.67
C SER A 198 -19.02 16.22 19.60
N SER A 199 -18.20 15.26 19.20
CA SER A 199 -17.14 14.74 20.02
C SER A 199 -15.99 15.72 20.23
N LEU A 200 -15.84 16.77 19.41
CA LEU A 200 -14.57 17.49 19.35
C LEU A 200 -14.19 18.12 20.68
N GLY A 201 -15.18 18.54 21.49
CA GLY A 201 -14.85 19.16 22.75
C GLY A 201 -14.48 18.21 23.85
N THR A 202 -14.65 16.89 23.64
CA THR A 202 -14.52 16.00 24.77
C THR A 202 -13.82 14.70 24.45
N GLN A 203 -13.24 14.55 23.26
CA GLN A 203 -12.52 13.35 22.87
C GLN A 203 -11.15 13.73 22.34
N THR A 204 -10.16 12.92 22.69
CA THR A 204 -8.78 13.12 22.31
C THR A 204 -8.51 12.38 20.99
N TYR A 205 -7.77 13.01 20.07
CA TYR A 205 -7.42 12.37 18.79
C TYR A 205 -5.92 12.47 18.64
N ILE A 206 -5.28 11.35 18.48
CA ILE A 206 -3.82 11.25 18.33
C ILE A 206 -3.46 10.49 17.07
N CYS A 207 -2.60 11.08 16.19
CA CYS A 207 -2.16 10.27 15.07
C CYS A 207 -0.81 9.63 15.43
N ASN A 208 -0.67 8.34 15.12
CA ASN A 208 0.54 7.56 15.36
C ASN A 208 1.25 7.38 14.03
N VAL A 209 2.31 8.11 13.85
CA VAL A 209 3.14 8.07 12.66
C VAL A 209 4.34 7.12 12.86
N ASN A 210 4.52 6.20 11.93
CA ASN A 210 5.64 5.29 11.98
C ASN A 210 6.48 5.41 10.74
N HIS A 211 7.78 5.70 10.95
CA HIS A 211 8.75 5.74 9.84
C HIS A 211 9.89 4.76 10.21
N LYS A 212 9.67 3.49 9.88
CA LYS A 212 10.64 2.48 10.27
C LYS A 212 12.00 2.68 9.63
N PRO A 213 12.13 3.21 8.41
CA PRO A 213 13.47 3.40 7.87
C PRO A 213 14.34 4.24 8.72
N SER A 214 13.77 5.18 9.52
CA SER A 214 14.52 6.04 10.39
C SER A 214 14.37 5.68 11.87
N ASN A 215 13.75 4.53 12.18
CA ASN A 215 13.45 4.09 13.52
C ASN A 215 12.76 5.18 14.33
N THR A 216 11.80 5.85 13.71
CA THR A 216 11.13 6.99 14.32
C THR A 216 9.64 6.72 14.44
N LYS A 217 9.07 7.10 15.57
CA LYS A 217 7.63 7.05 15.81
C LYS A 217 7.25 8.40 16.42
N VAL A 218 6.17 8.98 15.93
CA VAL A 218 5.67 10.26 16.40
C VAL A 218 4.18 10.08 16.75
N ASP A 219 3.80 10.43 17.96
CA ASP A 219 2.38 10.40 18.35
C ASP A 219 1.97 11.86 18.56
N LYS A 220 1.17 12.41 17.62
CA LYS A 220 0.84 13.83 17.54
C LYS A 220 -0.63 14.01 17.89
N ARG A 221 -0.86 14.80 18.90
CA ARG A 221 -2.19 15.24 19.28
C ARG A 221 -2.76 16.22 18.29
N VAL A 222 -4.00 16.03 17.89
CA VAL A 222 -4.68 16.94 16.95
C VAL A 222 -5.86 17.52 17.71
N GLU A 223 -5.80 18.84 18.00
CA GLU A 223 -6.72 19.56 18.86
C GLU A 223 -7.51 20.59 18.07
N PRO A 224 -8.77 20.88 18.43
CA PRO A 224 -9.50 21.93 17.70
C PRO A 224 -8.74 23.24 17.73
N LYS A 225 -8.75 23.96 16.61
CA LYS A 225 -7.96 25.19 16.48
C LYS A 225 -8.70 26.35 17.11
N SER A 226 -7.94 27.23 17.80
CA SER A 226 -8.51 28.25 18.67
C SER A 226 -8.04 29.66 18.33
N CYS A 227 -7.62 29.89 17.07
CA CYS A 227 -7.43 31.27 16.60
C CYS A 227 -6.33 31.96 17.37
N TYR B 2 10.66 -21.90 -17.14
CA TYR B 2 9.23 -22.09 -17.33
C TYR B 2 8.47 -20.77 -17.09
N GLU B 3 7.36 -20.59 -17.82
CA GLU B 3 6.66 -19.31 -17.92
C GLU B 3 5.15 -19.47 -17.70
N LEU B 4 4.56 -18.49 -17.02
CA LEU B 4 3.13 -18.47 -16.74
C LEU B 4 2.57 -17.18 -17.30
N THR B 5 1.65 -17.30 -18.27
CA THR B 5 1.09 -16.13 -18.94
C THR B 5 -0.30 -15.82 -18.39
N GLN B 6 -0.61 -14.53 -18.28
CA GLN B 6 -1.94 -14.08 -17.89
C GLN B 6 -2.31 -12.85 -18.70
N PRO B 7 -3.59 -12.60 -18.92
CA PRO B 7 -3.99 -11.31 -19.46
C PRO B 7 -3.55 -10.15 -18.57
N PRO B 8 -3.08 -9.05 -19.16
CA PRO B 8 -2.70 -7.90 -18.31
C PRO B 8 -3.86 -7.26 -17.56
N SER B 9 -5.09 -7.35 -18.09
CA SER B 9 -6.23 -6.80 -17.38
C SER B 9 -7.49 -7.50 -17.80
N VAL B 10 -8.47 -7.46 -16.90
CA VAL B 10 -9.81 -7.97 -17.09
C VAL B 10 -10.76 -6.88 -16.59
N SER B 11 -11.66 -6.44 -17.46
CA SER B 11 -12.71 -5.51 -17.10
C SER B 11 -14.02 -6.27 -16.97
N VAL B 12 -14.89 -5.78 -16.09
CA VAL B 12 -16.12 -6.50 -15.75
C VAL B 12 -17.09 -5.50 -15.13
N ALA B 13 -18.38 -5.70 -15.42
CA ALA B 13 -19.40 -4.85 -14.79
C ALA B 13 -19.78 -5.37 -13.40
N PRO B 14 -20.17 -4.48 -12.47
CA PRO B 14 -20.59 -4.97 -11.15
C PRO B 14 -21.65 -6.06 -11.26
N GLY B 15 -21.48 -7.11 -10.46
CA GLY B 15 -22.41 -8.22 -10.40
C GLY B 15 -22.20 -9.30 -11.44
N LYS B 16 -21.60 -8.94 -12.58
CA LYS B 16 -21.24 -9.89 -13.63
C LYS B 16 -20.18 -10.85 -13.09
N THR B 17 -19.82 -11.85 -13.90
CA THR B 17 -18.75 -12.79 -13.56
C THR B 17 -17.44 -12.42 -14.26
N ALA B 18 -16.34 -12.44 -13.51
CA ALA B 18 -15.02 -12.21 -14.04
C ALA B 18 -14.22 -13.52 -14.07
N ARG B 19 -13.43 -13.69 -15.14
CA ARG B 19 -12.62 -14.89 -15.35
C ARG B 19 -11.19 -14.48 -15.68
N ILE B 20 -10.27 -15.01 -14.90
CA ILE B 20 -8.85 -14.70 -15.04
C ILE B 20 -8.18 -16.03 -15.37
N THR B 21 -7.46 -16.06 -16.48
CA THR B 21 -6.92 -17.29 -17.02
C THR B 21 -5.39 -17.24 -17.02
N CYS B 22 -4.79 -18.42 -16.85
CA CYS B 22 -3.38 -18.62 -16.57
C CYS B 22 -2.89 -19.80 -17.40
N GLY B 23 -2.12 -19.53 -18.44
CA GLY B 23 -1.54 -20.59 -19.28
C GLY B 23 -0.05 -20.80 -19.00
N GLY B 24 0.35 -22.06 -18.96
CA GLY B 24 1.75 -22.40 -18.75
C GLY B 24 2.08 -23.72 -19.42
N ASN B 25 3.36 -24.08 -19.30
CA ASN B 25 3.91 -25.35 -19.79
C ASN B 25 3.07 -26.54 -19.36
N ASN B 26 2.02 -26.83 -20.13
CA ASN B 26 1.17 -28.00 -19.86
C ASN B 26 0.76 -28.04 -18.39
N ILE B 27 0.48 -26.87 -17.82
CA ILE B 27 -0.15 -26.83 -16.50
C ILE B 27 -1.45 -27.60 -16.59
N GLY B 28 -1.67 -28.47 -15.61
CA GLY B 28 -2.53 -29.61 -15.83
C GLY B 28 -1.73 -30.83 -15.42
N SER B 29 -0.40 -30.73 -15.62
CA SER B 29 0.53 -31.68 -15.02
C SER B 29 0.89 -31.32 -13.57
N LYS B 30 0.82 -30.04 -13.22
CA LYS B 30 1.21 -29.51 -11.92
C LYS B 30 -0.04 -29.12 -11.14
N SER B 31 0.07 -28.12 -10.25
CA SER B 31 -1.05 -27.61 -9.46
C SER B 31 -0.96 -26.09 -9.40
N VAL B 32 -2.07 -25.43 -9.61
CA VAL B 32 -2.10 -23.97 -9.72
C VAL B 32 -2.69 -23.37 -8.45
N HIS B 33 -2.14 -22.22 -8.03
CA HIS B 33 -2.56 -21.50 -6.84
C HIS B 33 -2.76 -20.05 -7.25
N TRP B 34 -3.66 -19.38 -6.56
CA TRP B 34 -4.04 -18.05 -6.93
C TRP B 34 -3.91 -17.15 -5.70
N TYR B 35 -3.50 -15.91 -5.93
CA TYR B 35 -3.38 -14.94 -4.85
C TYR B 35 -4.05 -13.66 -5.25
N GLN B 36 -4.70 -13.02 -4.27
CA GLN B 36 -5.33 -11.73 -4.46
C GLN B 36 -4.40 -10.73 -3.80
N GLN B 37 -4.16 -9.61 -4.48
CA GLN B 37 -3.42 -8.48 -3.92
C GLN B 37 -4.16 -7.19 -4.21
N LYS B 38 -4.77 -6.61 -3.17
CA LYS B 38 -5.49 -5.36 -3.34
C LYS B 38 -4.48 -4.21 -3.19
N PRO B 39 -4.76 -3.04 -3.80
CA PRO B 39 -3.80 -1.93 -3.70
C PRO B 39 -3.25 -1.76 -2.28
N GLY B 40 -1.92 -1.75 -2.18
CA GLY B 40 -1.20 -1.41 -0.97
C GLY B 40 -1.11 -2.48 0.08
N GLN B 41 -1.36 -3.75 -0.29
CA GLN B 41 -1.45 -4.83 0.66
C GLN B 41 -0.66 -6.03 0.17
N ALA B 42 -0.45 -6.96 1.08
CA ALA B 42 0.23 -8.20 0.73
C ALA B 42 -0.71 -9.14 0.00
N PRO B 43 -0.15 -10.05 -0.80
CA PRO B 43 -0.97 -11.11 -1.39
C PRO B 43 -1.65 -11.89 -0.30
N VAL B 44 -2.85 -12.39 -0.63
CA VAL B 44 -3.54 -13.38 0.16
C VAL B 44 -3.92 -14.56 -0.75
N LEU B 45 -3.76 -15.75 -0.22
CA LEU B 45 -4.17 -16.95 -0.95
C LEU B 45 -5.68 -17.00 -1.06
N VAL B 46 -6.17 -17.29 -2.27
CA VAL B 46 -7.58 -17.17 -2.59
C VAL B 46 -8.13 -18.48 -3.14
N ILE B 47 -7.30 -19.19 -3.91
CA ILE B 47 -7.56 -20.57 -4.33
C ILE B 47 -6.23 -21.31 -4.27
N TYR B 48 -6.25 -22.55 -3.79
CA TYR B 48 -5.09 -23.42 -3.92
C TYR B 48 -5.49 -24.79 -4.45
N TYR B 49 -4.48 -25.56 -4.87
CA TYR B 49 -4.67 -26.91 -5.42
C TYR B 49 -5.80 -26.92 -6.46
N ASP B 50 -5.61 -26.07 -7.48
CA ASP B 50 -6.48 -26.00 -8.64
C ASP B 50 -7.84 -25.40 -8.34
N SER B 51 -8.55 -25.96 -7.34
CA SER B 51 -9.93 -25.52 -7.09
C SER B 51 -10.32 -25.40 -5.62
N ASP B 52 -9.40 -25.64 -4.66
CA ASP B 52 -9.70 -25.55 -3.24
C ASP B 52 -9.81 -24.12 -2.76
N ARG B 53 -10.81 -23.87 -1.92
CA ARG B 53 -11.01 -22.57 -1.33
C ARG B 53 -10.47 -22.61 0.10
N PRO B 54 -9.53 -21.76 0.48
CA PRO B 54 -9.08 -21.75 1.88
C PRO B 54 -10.21 -21.28 2.78
N SER B 55 -10.09 -21.68 4.05
CA SER B 55 -11.05 -21.22 5.04
C SER B 55 -11.08 -19.71 5.09
N GLY B 56 -12.24 -19.15 4.79
CA GLY B 56 -12.45 -17.73 4.91
C GLY B 56 -12.64 -16.99 3.61
N ILE B 57 -12.51 -17.68 2.49
CA ILE B 57 -12.68 -17.03 1.18
C ILE B 57 -14.12 -17.21 0.72
N PRO B 58 -14.77 -16.19 0.15
CA PRO B 58 -16.15 -16.37 -0.33
C PRO B 58 -16.30 -17.44 -1.42
N GLU B 59 -17.42 -18.16 -1.37
CA GLU B 59 -17.71 -19.19 -2.37
C GLU B 59 -17.58 -18.66 -3.81
N ARG B 60 -17.88 -17.38 -4.03
CA ARG B 60 -17.90 -16.81 -5.38
C ARG B 60 -16.52 -16.85 -6.04
N PHE B 61 -15.47 -17.17 -5.27
CA PHE B 61 -14.13 -17.45 -5.80
C PHE B 61 -14.03 -18.95 -6.05
N SER B 62 -13.79 -19.33 -7.31
CA SER B 62 -13.66 -20.72 -7.69
C SER B 62 -12.54 -20.87 -8.71
N GLY B 63 -11.83 -21.99 -8.59
CA GLY B 63 -10.75 -22.26 -9.50
C GLY B 63 -10.96 -23.49 -10.34
N SER B 64 -10.69 -23.39 -11.63
CA SER B 64 -10.86 -24.49 -12.56
C SER B 64 -9.60 -24.63 -13.42
N LYS B 65 -9.51 -25.75 -14.13
CA LYS B 65 -8.38 -25.95 -15.02
C LYS B 65 -8.84 -26.67 -16.29
N SER B 66 -7.96 -26.66 -17.29
CA SER B 66 -8.21 -27.33 -18.57
C SER B 66 -6.95 -28.06 -19.03
N GLY B 67 -6.50 -27.79 -20.24
CA GLY B 67 -5.31 -28.44 -20.74
C GLY B 67 -4.07 -27.58 -20.66
N ASN B 68 -4.15 -26.41 -21.29
CA ASN B 68 -3.09 -25.42 -21.23
C ASN B 68 -3.43 -24.20 -20.40
N THR B 69 -4.63 -24.14 -19.83
CA THR B 69 -5.09 -22.97 -19.10
C THR B 69 -5.63 -23.36 -17.73
N ALA B 70 -5.38 -22.51 -16.75
CA ALA B 70 -5.96 -22.58 -15.42
C ALA B 70 -6.76 -21.31 -15.22
N THR B 71 -7.91 -21.42 -14.57
CA THR B 71 -8.83 -20.30 -14.50
C THR B 71 -9.26 -20.02 -13.06
N LEU B 72 -9.40 -18.74 -12.76
CA LEU B 72 -9.98 -18.28 -11.50
C LEU B 72 -11.25 -17.52 -11.86
N THR B 73 -12.37 -17.92 -11.27
CA THR B 73 -13.66 -17.32 -11.59
C THR B 73 -14.22 -16.63 -10.36
N ILE B 74 -14.72 -15.42 -10.55
CA ILE B 74 -15.33 -14.63 -9.48
C ILE B 74 -16.75 -14.27 -9.92
N SER B 75 -17.73 -14.94 -9.35
CA SER B 75 -19.14 -14.64 -9.60
C SER B 75 -19.56 -13.42 -8.82
N ARG B 76 -20.58 -12.73 -9.33
CA ARG B 76 -21.17 -11.61 -8.60
C ARG B 76 -20.08 -10.66 -8.11
N VAL B 77 -19.24 -10.23 -9.06
CA VAL B 77 -18.05 -9.44 -8.75
C VAL B 77 -18.46 -8.16 -8.01
N GLU B 78 -17.77 -7.87 -6.91
CA GLU B 78 -17.96 -6.64 -6.15
C GLU B 78 -16.84 -5.65 -6.46
N ALA B 79 -17.16 -4.35 -6.39
CA ALA B 79 -16.11 -3.35 -6.51
C ALA B 79 -14.97 -3.64 -5.54
N GLY B 80 -15.30 -4.27 -4.39
CA GLY B 80 -14.32 -4.68 -3.42
C GLY B 80 -13.37 -5.77 -3.90
N ASP B 81 -13.66 -6.44 -5.01
CA ASP B 81 -12.74 -7.43 -5.56
C ASP B 81 -11.78 -6.86 -6.59
N GLU B 82 -11.81 -5.54 -6.83
CA GLU B 82 -10.77 -4.92 -7.64
C GLU B 82 -9.43 -5.24 -6.98
N ALA B 83 -8.51 -5.82 -7.74
CA ALA B 83 -7.25 -6.32 -7.22
C ALA B 83 -6.40 -6.75 -8.40
N ASP B 84 -5.12 -7.07 -8.12
CA ASP B 84 -4.26 -7.86 -9.03
C ASP B 84 -4.25 -9.32 -8.54
N TYR B 85 -4.48 -10.26 -9.44
CA TYR B 85 -4.51 -11.68 -9.12
C TYR B 85 -3.33 -12.38 -9.84
N TYR B 86 -2.68 -13.29 -9.14
CA TYR B 86 -1.45 -13.94 -9.59
C TYR B 86 -1.61 -15.44 -9.47
N CYS B 87 -1.43 -16.18 -10.59
CA CYS B 87 -1.34 -17.63 -10.44
C CYS B 87 0.08 -18.03 -10.11
N GLN B 88 0.20 -19.24 -9.59
CA GLN B 88 1.47 -19.74 -9.09
C GLN B 88 1.52 -21.28 -9.16
N VAL B 89 2.69 -21.81 -9.56
CA VAL B 89 2.94 -23.24 -9.50
C VAL B 89 4.36 -23.44 -9.05
N TRP B 90 4.71 -24.71 -8.81
CA TRP B 90 6.06 -25.12 -8.52
C TRP B 90 6.57 -25.98 -9.67
N ASP B 91 7.83 -25.76 -10.08
CA ASP B 91 8.49 -26.55 -11.12
C ASP B 91 9.35 -27.63 -10.45
N SER B 92 8.88 -28.88 -10.52
CA SER B 92 9.48 -29.94 -9.72
C SER B 92 10.84 -30.40 -10.23
N SER B 93 11.20 -30.10 -11.47
CA SER B 93 12.52 -30.52 -11.96
C SER B 93 13.61 -29.58 -11.48
N ARG B 94 13.48 -28.30 -11.81
CA ARG B 94 14.44 -27.30 -11.37
C ARG B 94 14.25 -26.89 -9.90
N ASP B 95 13.15 -27.30 -9.25
CA ASP B 95 12.87 -26.96 -7.85
C ASP B 95 12.69 -25.45 -7.70
N HIS B 96 11.84 -24.87 -8.54
CA HIS B 96 11.65 -23.42 -8.56
C HIS B 96 10.19 -23.07 -8.50
N CYS B 97 9.85 -22.04 -7.72
CA CYS B 97 8.53 -21.47 -7.75
C CYS B 97 8.39 -20.49 -8.91
N VAL B 98 7.24 -20.53 -9.58
CA VAL B 98 6.97 -19.68 -10.74
C VAL B 98 5.64 -18.97 -10.55
N PHE B 99 5.63 -17.68 -10.80
CA PHE B 99 4.43 -16.87 -10.75
C PHE B 99 4.01 -16.47 -12.15
N GLY B 100 2.70 -16.29 -12.33
CA GLY B 100 2.20 -15.60 -13.49
C GLY B 100 2.57 -14.13 -13.40
N ILE B 101 2.36 -13.43 -14.51
CA ILE B 101 2.69 -12.01 -14.58
C ILE B 101 1.66 -11.16 -13.87
N GLY B 102 0.46 -11.68 -13.62
CA GLY B 102 -0.58 -10.98 -12.89
C GLY B 102 -1.65 -10.34 -13.77
N THR B 103 -2.87 -10.27 -13.23
CA THR B 103 -4.00 -9.70 -13.94
C THR B 103 -4.72 -8.67 -13.06
N LYS B 104 -4.80 -7.45 -13.53
CA LYS B 104 -5.48 -6.39 -12.80
C LYS B 104 -6.96 -6.41 -13.16
N VAL B 105 -7.83 -6.63 -12.18
CA VAL B 105 -9.27 -6.67 -12.39
C VAL B 105 -9.87 -5.33 -11.96
N THR B 106 -10.61 -4.69 -12.87
CA THR B 106 -11.31 -3.45 -12.57
C THR B 106 -12.79 -3.68 -12.88
N VAL B 107 -13.65 -3.28 -11.95
CA VAL B 107 -15.11 -3.32 -12.18
C VAL B 107 -15.52 -1.91 -12.55
N LEU B 108 -16.06 -1.77 -13.76
CA LEU B 108 -16.42 -0.47 -14.31
C LEU B 108 -17.92 -0.31 -14.27
N GLY B 109 -18.37 0.94 -14.38
CA GLY B 109 -19.80 1.19 -14.22
C GLY B 109 -20.25 1.10 -12.79
N GLN B 110 -19.44 1.59 -11.86
CA GLN B 110 -19.92 1.82 -10.51
C GLN B 110 -20.65 3.15 -10.50
N PRO B 111 -21.37 3.44 -9.42
CA PRO B 111 -22.15 4.67 -9.41
C PRO B 111 -21.22 5.90 -9.36
N LYS B 112 -21.59 6.91 -10.12
CA LYS B 112 -20.90 8.17 -10.05
C LYS B 112 -21.04 8.73 -8.65
N ALA B 113 -19.97 9.33 -8.15
CA ALA B 113 -19.99 10.02 -6.88
C ALA B 113 -19.23 11.34 -7.04
N ASN B 114 -19.87 12.43 -6.66
CA ASN B 114 -19.27 13.75 -6.76
C ASN B 114 -18.35 13.98 -5.56
N PRO B 115 -17.25 14.68 -5.76
CA PRO B 115 -16.21 14.78 -4.70
C PRO B 115 -16.61 15.74 -3.64
N THR B 116 -16.19 15.39 -2.40
CA THR B 116 -16.14 16.35 -1.31
C THR B 116 -14.71 16.87 -1.32
N VAL B 117 -14.56 18.14 -1.03
CA VAL B 117 -13.26 18.78 -0.94
C VAL B 117 -13.12 19.35 0.45
N THR B 118 -12.01 19.01 1.09
CA THR B 118 -11.63 19.59 2.38
C THR B 118 -10.31 20.35 2.19
N LEU B 119 -10.27 21.61 2.65
CA LEU B 119 -9.02 22.37 2.53
C LEU B 119 -8.56 22.85 3.88
N PHE B 120 -7.30 22.40 4.28
CA PHE B 120 -6.77 22.80 5.57
C PHE B 120 -5.76 23.92 5.36
N PRO B 121 -5.82 24.97 6.14
CA PRO B 121 -4.78 26.00 6.07
C PRO B 121 -3.52 25.55 6.81
N PRO B 122 -2.39 26.27 6.68
CA PRO B 122 -1.22 25.92 7.52
C PRO B 122 -1.59 25.93 8.98
N SER B 123 -1.06 24.93 9.72
CA SER B 123 -1.22 24.94 11.16
C SER B 123 -0.35 26.03 11.77
N SER B 124 -0.78 26.56 12.93
CA SER B 124 0.10 27.52 13.60
C SER B 124 1.44 26.87 13.97
N GLU B 125 1.43 25.58 14.24
CA GLU B 125 2.67 24.86 14.52
C GLU B 125 3.61 24.90 13.35
N GLU B 126 3.07 24.69 12.14
CA GLU B 126 3.96 24.71 10.97
C GLU B 126 4.41 26.13 10.66
N LEU B 127 3.50 27.09 10.73
CA LEU B 127 3.89 28.51 10.55
C LEU B 127 4.98 28.90 11.54
N GLN B 128 4.89 28.43 12.78
CA GLN B 128 5.93 28.72 13.78
C GLN B 128 7.28 28.05 13.45
N ALA B 129 7.30 26.98 12.64
CA ALA B 129 8.52 26.45 12.07
C ALA B 129 8.89 27.08 10.74
N ASN B 130 8.38 28.29 10.47
CA ASN B 130 8.69 29.11 9.28
C ASN B 130 8.38 28.41 7.96
N LYS B 131 7.35 27.55 7.94
CA LYS B 131 6.88 26.90 6.74
C LYS B 131 5.35 27.05 6.64
N ALA B 132 4.82 26.70 5.46
CA ALA B 132 3.37 26.81 5.28
C ALA B 132 2.98 25.88 4.16
N THR B 133 1.97 25.04 4.44
CA THR B 133 1.48 24.04 3.50
C THR B 133 -0.03 24.09 3.61
N LEU B 134 -0.67 24.35 2.49
CA LEU B 134 -2.10 24.16 2.33
C LEU B 134 -2.33 22.75 1.79
N VAL B 135 -3.35 22.10 2.31
CA VAL B 135 -3.60 20.69 2.08
C VAL B 135 -5.04 20.55 1.62
N CYS B 136 -5.22 20.11 0.41
CA CYS B 136 -6.53 19.94 -0.22
C CYS B 136 -6.75 18.44 -0.38
N LEU B 137 -7.72 17.91 0.37
CA LEU B 137 -8.05 16.49 0.32
C LEU B 137 -9.38 16.32 -0.41
N ILE B 138 -9.40 15.43 -1.41
CA ILE B 138 -10.57 15.23 -2.25
C ILE B 138 -11.01 13.81 -2.02
N SER B 139 -12.27 13.62 -1.64
CA SER B 139 -12.71 12.27 -1.25
C SER B 139 -14.07 11.89 -1.85
N ASP B 140 -14.38 10.59 -1.78
CA ASP B 140 -15.71 10.04 -2.02
C ASP B 140 -16.19 10.31 -3.44
N PHE B 141 -15.28 10.21 -4.41
CA PHE B 141 -15.66 10.45 -5.79
C PHE B 141 -15.42 9.23 -6.65
N TYR B 142 -16.14 9.18 -7.79
CA TYR B 142 -15.98 8.12 -8.78
C TYR B 142 -16.60 8.61 -10.09
N PRO B 143 -16.00 8.36 -11.24
CA PRO B 143 -14.74 7.68 -11.52
C PRO B 143 -13.49 8.40 -11.03
N GLY B 144 -12.32 7.87 -11.36
CA GLY B 144 -11.09 8.31 -10.70
C GLY B 144 -10.44 9.59 -11.25
N ALA B 145 -10.71 9.98 -12.48
CA ALA B 145 -9.98 11.07 -13.08
C ALA B 145 -10.38 12.41 -12.45
N VAL B 146 -9.39 13.22 -12.07
CA VAL B 146 -9.65 14.52 -11.44
C VAL B 146 -8.52 15.45 -11.84
N THR B 147 -8.78 16.77 -11.80
CA THR B 147 -7.72 17.80 -11.94
C THR B 147 -7.91 18.80 -10.84
N VAL B 148 -6.79 19.32 -10.35
CA VAL B 148 -6.75 20.26 -9.25
C VAL B 148 -6.04 21.53 -9.72
N ALA B 149 -6.61 22.66 -9.36
CA ALA B 149 -6.00 23.95 -9.63
C ALA B 149 -6.12 24.78 -8.36
N TRP B 150 -5.09 25.55 -8.09
CA TRP B 150 -5.01 26.41 -6.94
C TRP B 150 -5.00 27.87 -7.39
N LYS B 151 -5.53 28.70 -6.59
CA LYS B 151 -5.63 30.14 -6.81
C LYS B 151 -5.23 30.88 -5.56
N ALA B 152 -4.53 32.00 -5.73
CA ALA B 152 -4.37 32.99 -4.69
C ALA B 152 -5.11 34.24 -5.15
N ASP B 153 -6.06 34.73 -4.35
CA ASP B 153 -6.87 35.89 -4.70
C ASP B 153 -7.35 35.79 -6.14
N SER B 154 -7.93 34.64 -6.48
CA SER B 154 -8.49 34.43 -7.80
C SER B 154 -7.46 34.55 -8.95
N SER B 155 -6.16 34.41 -8.66
CA SER B 155 -5.16 34.31 -9.71
C SER B 155 -4.44 32.95 -9.67
N PRO B 156 -4.20 32.31 -10.81
CA PRO B 156 -3.69 30.94 -10.77
C PRO B 156 -2.30 30.85 -10.11
N VAL B 157 -2.06 29.71 -9.44
CA VAL B 157 -0.79 29.37 -8.84
C VAL B 157 -0.33 28.05 -9.42
N LYS B 158 0.93 27.97 -9.87
CA LYS B 158 1.49 26.68 -10.31
C LYS B 158 2.76 26.29 -9.59
N ALA B 159 3.54 27.27 -9.12
CA ALA B 159 4.73 26.95 -8.37
C ALA B 159 4.34 26.41 -7.00
N GLY B 160 5.01 25.36 -6.60
CA GLY B 160 4.85 24.85 -5.25
C GLY B 160 3.72 23.88 -5.07
N VAL B 161 3.14 23.35 -6.17
CA VAL B 161 2.00 22.44 -6.13
C VAL B 161 2.50 21.01 -6.35
N GLU B 162 2.02 20.05 -5.52
CA GLU B 162 2.20 18.63 -5.80
C GLU B 162 0.88 17.92 -5.51
N THR B 163 0.53 16.93 -6.33
CA THR B 163 -0.80 16.33 -6.29
C THR B 163 -0.62 14.83 -6.51
N THR B 164 -1.31 14.01 -5.72
CA THR B 164 -1.25 12.56 -5.83
C THR B 164 -2.22 12.03 -6.86
N THR B 165 -1.89 10.87 -7.47
CA THR B 165 -2.93 10.32 -8.30
C THR B 165 -3.98 9.64 -7.43
N PRO B 166 -5.24 9.65 -7.84
CA PRO B 166 -6.26 9.11 -6.95
C PRO B 166 -6.07 7.62 -6.69
N SER B 167 -6.54 7.20 -5.50
CA SER B 167 -6.42 5.85 -4.97
C SER B 167 -7.70 5.50 -4.27
N LYS B 168 -7.99 4.22 -4.21
CA LYS B 168 -9.25 3.79 -3.62
C LYS B 168 -9.22 3.97 -2.10
N GLN B 169 -10.33 4.36 -1.53
CA GLN B 169 -10.47 4.35 -0.08
C GLN B 169 -11.21 3.06 0.32
N SER B 170 -11.46 2.91 1.61
CA SER B 170 -12.12 1.68 2.08
C SER B 170 -13.52 1.52 1.51
N ASN B 171 -14.14 2.64 1.13
CA ASN B 171 -15.46 2.75 0.54
C ASN B 171 -15.55 2.17 -0.84
N ASN B 172 -14.41 1.91 -1.49
CA ASN B 172 -14.25 1.76 -2.94
C ASN B 172 -14.44 3.06 -3.75
N LYS B 173 -14.85 4.16 -3.13
CA LYS B 173 -14.73 5.45 -3.81
C LYS B 173 -13.28 5.93 -3.81
N TYR B 174 -12.99 6.97 -4.57
CA TYR B 174 -11.61 7.45 -4.72
C TYR B 174 -11.34 8.67 -3.89
N ALA B 175 -10.05 8.91 -3.68
CA ALA B 175 -9.58 10.04 -2.89
C ALA B 175 -8.26 10.50 -3.49
N ALA B 176 -7.99 11.79 -3.36
CA ALA B 176 -6.70 12.32 -3.82
C ALA B 176 -6.36 13.56 -3.00
N SER B 177 -5.08 13.99 -3.08
CA SER B 177 -4.59 15.04 -2.28
C SER B 177 -3.74 16.00 -3.12
N SER B 178 -3.66 17.23 -2.67
CA SER B 178 -2.85 18.24 -3.34
C SER B 178 -2.33 19.22 -2.31
N TYR B 179 -1.04 19.57 -2.47
CA TYR B 179 -0.36 20.45 -1.56
C TYR B 179 0.11 21.70 -2.27
N LEU B 180 -0.08 22.83 -1.62
CA LEU B 180 0.49 24.08 -2.03
C LEU B 180 1.49 24.46 -0.97
N SER B 181 2.76 24.55 -1.32
CA SER B 181 3.78 24.99 -0.37
C SER B 181 4.03 26.48 -0.58
N LEU B 182 4.17 27.19 0.51
CA LEU B 182 4.21 28.63 0.58
C LEU B 182 5.12 29.02 1.74
N THR B 183 5.70 30.21 1.66
CA THR B 183 6.29 30.81 2.87
C THR B 183 5.19 31.41 3.75
N PRO B 184 5.45 31.53 5.03
CA PRO B 184 4.48 32.23 5.88
C PRO B 184 4.11 33.59 5.35
N GLU B 185 5.08 34.31 4.80
CA GLU B 185 4.85 35.64 4.25
C GLU B 185 3.86 35.59 3.11
N GLN B 186 4.07 34.66 2.17
CA GLN B 186 3.15 34.51 1.05
C GLN B 186 1.74 34.18 1.53
N TRP B 187 1.62 33.29 2.51
CA TRP B 187 0.34 32.96 3.08
C TRP B 187 -0.37 34.22 3.59
N LYS B 188 0.34 35.04 4.33
CA LYS B 188 -0.32 36.19 4.90
C LYS B 188 -0.50 37.33 3.90
N SER B 189 0.07 37.23 2.71
CA SER B 189 0.08 38.37 1.82
C SER B 189 -1.10 38.39 0.88
N HIS B 190 -1.87 37.30 0.78
CA HIS B 190 -3.07 37.30 -0.02
C HIS B 190 -4.29 37.24 0.87
N ARG B 191 -5.43 37.62 0.31
CA ARG B 191 -6.64 37.65 1.10
C ARG B 191 -7.26 36.26 1.20
N SER B 192 -6.98 35.41 0.21
CA SER B 192 -7.58 34.07 0.21
C SER B 192 -6.79 33.13 -0.69
N TYR B 193 -6.96 31.84 -0.43
CA TYR B 193 -6.44 30.82 -1.32
C TYR B 193 -7.55 29.81 -1.56
N SER B 194 -7.54 29.21 -2.73
CA SER B 194 -8.59 28.26 -3.06
C SER B 194 -8.04 27.06 -3.85
N CYS B 195 -8.69 25.94 -3.67
CA CYS B 195 -8.39 24.71 -4.35
C CYS B 195 -9.61 24.31 -5.12
N GLN B 196 -9.50 24.22 -6.43
CA GLN B 196 -10.64 23.83 -7.26
C GLN B 196 -10.35 22.49 -7.89
N VAL B 197 -11.30 21.58 -7.73
CA VAL B 197 -11.26 20.25 -8.29
C VAL B 197 -12.26 20.09 -9.42
N THR B 198 -11.80 19.61 -10.57
CA THR B 198 -12.67 19.28 -11.71
C THR B 198 -12.84 17.78 -11.82
N HIS B 199 -14.08 17.35 -11.86
CA HIS B 199 -14.43 15.95 -11.97
C HIS B 199 -15.66 15.80 -12.86
N GLU B 200 -15.53 15.03 -13.91
CA GLU B 200 -16.65 14.73 -14.81
C GLU B 200 -17.30 16.02 -15.26
N GLY B 201 -16.47 16.97 -15.66
CA GLY B 201 -16.92 18.21 -16.25
C GLY B 201 -17.48 19.26 -15.30
N SER B 202 -17.52 19.01 -13.99
CA SER B 202 -18.00 19.97 -13.05
C SER B 202 -16.94 20.18 -11.99
N THR B 203 -17.01 21.30 -11.30
CA THR B 203 -15.93 21.64 -10.38
C THR B 203 -16.47 21.96 -8.99
N VAL B 204 -15.62 21.70 -7.97
CA VAL B 204 -15.89 22.00 -6.60
C VAL B 204 -14.65 22.74 -6.10
N GLU B 205 -14.85 23.91 -5.52
CA GLU B 205 -13.80 24.76 -4.98
C GLU B 205 -14.00 25.09 -3.52
N LYS B 206 -12.91 24.99 -2.74
CA LYS B 206 -12.90 25.39 -1.34
C LYS B 206 -11.92 26.54 -1.20
N THR B 207 -12.19 27.44 -0.25
CA THR B 207 -11.40 28.63 -0.02
C THR B 207 -11.04 28.75 1.45
N VAL B 208 -9.79 29.18 1.70
CA VAL B 208 -9.32 29.45 3.05
C VAL B 208 -8.70 30.84 3.06
N ALA B 209 -8.76 31.49 4.22
CA ALA B 209 -8.17 32.82 4.32
C ALA B 209 -7.28 32.93 5.54
N PRO B 210 -6.16 33.64 5.45
CA PRO B 210 -5.29 33.77 6.63
C PRO B 210 -5.94 34.42 7.82
N THR B 211 -7.06 35.12 7.62
CA THR B 211 -7.68 35.94 8.66
C THR B 211 -8.87 35.29 9.34
N GLU B 212 -9.10 33.99 9.13
CA GLU B 212 -10.17 33.27 9.79
C GLU B 212 -9.60 32.24 10.75
N CYS B 213 -9.08 32.73 11.88
CA CYS B 213 -8.45 31.90 12.90
C CYS B 213 -7.17 31.27 12.37
#